data_2ZCU
#
_entry.id   2ZCU
#
_cell.length_a   81.685
_cell.length_b   81.685
_cell.length_c   76.801
_cell.angle_alpha   90.00
_cell.angle_beta   90.00
_cell.angle_gamma   120.00
#
_symmetry.space_group_name_H-M   'P 32 2 1'
#
loop_
_entity.id
_entity.type
_entity.pdbx_description
1 polymer 'Uncharacterized oxidoreductase ytfG'
2 non-polymer 'COPPER (II) ION'
3 water water
#
_entity_poly.entity_id   1
_entity_poly.type   'polypeptide(L)'
_entity_poly.pdbx_seq_one_letter_code
;MIAITGATGQLGHYVIESLMKTVPASQIVAIVRNPAKAQALAAQGITVRQADYGDEAALTSALQGVEKLLLISSSEVGQR
APQHRNVINAAKAAGVKFIAYTSLLHADTSPLGLADEHIETEKMLADSGIVYTLLRNGWYSENYLASAPAALEHGVFIGA
AGDGKIASATRADYAAAAARVISEAGHEGKVYELAGDSAWTLTQLAAELTKQSGKQVTYQNLSEADFAAALKSVGLPDGL
ADMLADSDVGASKGGLFDDSKTLSKLIGHPTTTLAESVSHLFNVNN
;
_entity_poly.pdbx_strand_id   A
#
# COMPACT_ATOMS: atom_id res chain seq x y z
N MET A 1 -23.06 -5.40 1.56
CA MET A 1 -22.13 -5.86 0.50
C MET A 1 -20.91 -4.95 0.39
N ILE A 2 -19.73 -5.55 0.37
CA ILE A 2 -18.47 -4.83 0.25
C ILE A 2 -17.81 -5.19 -1.07
N ALA A 3 -17.37 -4.18 -1.80
CA ALA A 3 -16.68 -4.42 -3.07
C ALA A 3 -15.24 -3.97 -2.91
N ILE A 4 -14.36 -4.65 -3.64
CA ILE A 4 -12.94 -4.31 -3.63
C ILE A 4 -12.42 -4.18 -5.06
N THR A 5 -11.89 -3.03 -5.42
CA THR A 5 -11.33 -2.86 -6.76
C THR A 5 -9.83 -2.88 -6.63
N GLY A 6 -9.16 -3.49 -7.61
CA GLY A 6 -7.71 -3.59 -7.56
C GLY A 6 -7.31 -4.57 -6.47
N ALA A 7 -8.10 -5.62 -6.29
CA ALA A 7 -7.85 -6.61 -5.26
C ALA A 7 -7.01 -7.79 -5.72
N THR A 8 -6.47 -7.70 -6.94
CA THR A 8 -5.66 -8.79 -7.48
C THR A 8 -4.20 -8.71 -7.05
N GLY A 9 -3.88 -7.70 -6.23
CA GLY A 9 -2.52 -7.53 -5.77
C GLY A 9 -2.26 -8.19 -4.42
N GLN A 10 -1.04 -8.03 -3.91
CA GLN A 10 -0.68 -8.60 -2.62
C GLN A 10 -1.49 -7.98 -1.49
N LEU A 11 -1.66 -6.67 -1.53
CA LEU A 11 -2.43 -6.02 -0.48
C LEU A 11 -3.88 -6.52 -0.49
N GLY A 12 -4.47 -6.57 -1.68
CA GLY A 12 -5.85 -7.03 -1.79
C GLY A 12 -6.05 -8.42 -1.26
N HIS A 13 -5.07 -9.28 -1.52
CA HIS A 13 -5.16 -10.66 -1.05
C HIS A 13 -5.27 -10.65 0.47
N TYR A 14 -4.38 -9.92 1.12
CA TYR A 14 -4.40 -9.82 2.58
C TYR A 14 -5.70 -9.21 3.10
N VAL A 15 -6.18 -8.16 2.46
CA VAL A 15 -7.42 -7.52 2.90
C VAL A 15 -8.55 -8.53 2.86
N ILE A 16 -8.64 -9.28 1.77
CA ILE A 16 -9.70 -10.28 1.65
C ILE A 16 -9.58 -11.33 2.74
N GLU A 17 -8.36 -11.78 3.03
CA GLU A 17 -8.15 -12.79 4.07
C GLU A 17 -8.58 -12.24 5.43
N SER A 18 -8.26 -10.98 5.66
CA SER A 18 -8.62 -10.32 6.92
C SER A 18 -10.14 -10.22 7.01
N LEU A 19 -10.75 -9.70 5.95
CA LEU A 19 -12.21 -9.56 5.92
C LEU A 19 -12.92 -10.88 6.20
N MET A 20 -12.44 -11.94 5.56
CA MET A 20 -13.06 -13.25 5.72
C MET A 20 -13.10 -13.77 7.15
N LYS A 21 -12.36 -13.12 8.05
CA LYS A 21 -12.35 -13.55 9.45
C LYS A 21 -13.64 -13.11 10.13
N THR A 22 -14.32 -12.11 9.56
CA THR A 22 -15.56 -11.59 10.15
C THR A 22 -16.72 -11.38 9.19
N VAL A 23 -16.45 -11.35 7.89
CA VAL A 23 -17.50 -11.15 6.90
C VAL A 23 -17.71 -12.37 6.02
N PRO A 24 -18.98 -12.77 5.79
CA PRO A 24 -19.20 -13.93 4.94
C PRO A 24 -18.63 -13.67 3.54
N ALA A 25 -17.97 -14.68 3.00
CA ALA A 25 -17.33 -14.57 1.69
C ALA A 25 -18.22 -13.98 0.60
N SER A 26 -19.48 -14.40 0.58
CA SER A 26 -20.42 -13.95 -0.43
C SER A 26 -20.74 -12.47 -0.34
N GLN A 27 -20.47 -11.86 0.81
CA GLN A 27 -20.75 -10.45 0.99
C GLN A 27 -19.58 -9.58 0.54
N ILE A 28 -18.55 -10.23 0.00
CA ILE A 28 -17.38 -9.53 -0.50
C ILE A 28 -17.34 -9.72 -2.01
N VAL A 29 -17.24 -8.62 -2.74
CA VAL A 29 -17.20 -8.72 -4.19
C VAL A 29 -15.93 -8.11 -4.74
N ALA A 30 -15.16 -8.93 -5.44
CA ALA A 30 -13.92 -8.48 -6.05
C ALA A 30 -14.26 -8.17 -7.51
N ILE A 31 -13.92 -6.95 -7.94
CA ILE A 31 -14.17 -6.54 -9.32
C ILE A 31 -12.84 -6.67 -10.06
N VAL A 32 -12.81 -7.56 -11.05
CA VAL A 32 -11.60 -7.81 -11.84
C VAL A 32 -11.83 -7.75 -13.34
N ARG A 33 -10.76 -7.46 -14.09
CA ARG A 33 -10.83 -7.38 -15.54
C ARG A 33 -11.12 -8.73 -16.18
N ASN A 34 -10.52 -9.77 -15.65
CA ASN A 34 -10.72 -11.13 -16.16
C ASN A 34 -10.76 -12.15 -15.03
N PRO A 35 -11.96 -12.66 -14.69
CA PRO A 35 -12.15 -13.65 -13.64
C PRO A 35 -11.33 -14.92 -13.87
N ALA A 36 -10.95 -15.14 -15.12
CA ALA A 36 -10.16 -16.30 -15.50
C ALA A 36 -8.74 -16.18 -14.95
N LYS A 37 -8.10 -15.04 -15.21
CA LYS A 37 -6.74 -14.79 -14.75
C LYS A 37 -6.68 -14.46 -13.26
N ALA A 38 -7.84 -14.37 -12.62
CA ALA A 38 -7.90 -14.09 -11.19
C ALA A 38 -8.26 -15.36 -10.43
N GLN A 39 -7.42 -16.39 -10.57
CA GLN A 39 -7.67 -17.68 -9.93
C GLN A 39 -7.56 -17.58 -8.41
N ALA A 40 -6.68 -16.71 -7.94
CA ALA A 40 -6.47 -16.50 -6.52
C ALA A 40 -7.75 -16.02 -5.85
N LEU A 41 -8.30 -14.91 -6.33
CA LEU A 41 -9.53 -14.37 -5.75
C LEU A 41 -10.63 -15.43 -5.72
N ALA A 42 -10.88 -16.06 -6.87
CA ALA A 42 -11.91 -17.09 -6.96
C ALA A 42 -11.64 -18.19 -5.94
N ALA A 43 -10.36 -18.49 -5.72
CA ALA A 43 -9.97 -19.52 -4.77
C ALA A 43 -10.37 -19.15 -3.36
N GLN A 44 -10.55 -17.86 -3.10
CA GLN A 44 -10.94 -17.40 -1.77
C GLN A 44 -12.44 -17.58 -1.51
N GLY A 45 -13.20 -17.88 -2.57
CA GLY A 45 -14.63 -18.11 -2.42
C GLY A 45 -15.49 -16.85 -2.42
N ILE A 46 -14.87 -15.72 -2.73
CA ILE A 46 -15.56 -14.45 -2.76
C ILE A 46 -16.38 -14.29 -4.05
N THR A 47 -17.26 -13.30 -4.08
CA THR A 47 -18.04 -13.04 -5.28
C THR A 47 -17.09 -12.29 -6.22
N VAL A 48 -17.04 -12.71 -7.48
CA VAL A 48 -16.17 -12.07 -8.47
C VAL A 48 -17.01 -11.54 -9.62
N ARG A 49 -16.88 -10.25 -9.90
CA ARG A 49 -17.60 -9.61 -11.00
C ARG A 49 -16.58 -9.01 -11.96
N GLN A 50 -16.76 -9.28 -13.24
CA GLN A 50 -15.84 -8.80 -14.25
C GLN A 50 -16.20 -7.39 -14.72
N ALA A 51 -15.17 -6.59 -14.96
CA ALA A 51 -15.37 -5.25 -15.45
C ALA A 51 -14.04 -4.69 -15.94
N ASP A 52 -14.08 -4.08 -17.12
CA ASP A 52 -12.89 -3.46 -17.69
C ASP A 52 -12.84 -2.10 -16.99
N TYR A 53 -11.70 -1.78 -16.37
CA TYR A 53 -11.57 -0.52 -15.66
C TYR A 53 -11.56 0.73 -16.55
N GLY A 54 -11.59 0.54 -17.86
CA GLY A 54 -11.61 1.67 -18.76
C GLY A 54 -13.03 1.81 -19.27
N ASP A 55 -13.92 1.04 -18.66
CA ASP A 55 -15.34 1.02 -19.01
C ASP A 55 -16.18 1.41 -17.80
N GLU A 56 -16.55 2.69 -17.70
CA GLU A 56 -17.33 3.15 -16.56
C GLU A 56 -18.63 2.36 -16.42
N ALA A 57 -19.30 2.12 -17.54
CA ALA A 57 -20.56 1.38 -17.53
C ALA A 57 -20.39 -0.02 -16.95
N ALA A 58 -19.31 -0.68 -17.33
CA ALA A 58 -19.02 -2.03 -16.85
C ALA A 58 -18.79 -1.99 -15.35
N LEU A 59 -18.06 -0.98 -14.90
CA LEU A 59 -17.77 -0.81 -13.48
C LEU A 59 -19.06 -0.51 -12.70
N THR A 60 -19.95 0.28 -13.29
CA THR A 60 -21.21 0.63 -12.64
C THR A 60 -22.03 -0.63 -12.39
N SER A 61 -22.11 -1.49 -13.41
CA SER A 61 -22.85 -2.73 -13.28
C SER A 61 -22.20 -3.61 -12.19
N ALA A 62 -20.88 -3.67 -12.22
CA ALA A 62 -20.12 -4.47 -11.25
C ALA A 62 -20.30 -3.96 -9.82
N LEU A 63 -20.65 -2.69 -9.67
CA LEU A 63 -20.83 -2.11 -8.34
C LEU A 63 -22.30 -2.09 -7.89
N GLN A 64 -23.18 -2.78 -8.61
CA GLN A 64 -24.58 -2.79 -8.21
C GLN A 64 -24.73 -3.40 -6.82
N GLY A 65 -25.59 -2.79 -6.02
CA GLY A 65 -25.85 -3.28 -4.67
C GLY A 65 -24.70 -3.18 -3.69
N VAL A 66 -23.63 -2.51 -4.08
CA VAL A 66 -22.47 -2.34 -3.21
C VAL A 66 -22.66 -1.14 -2.29
N GLU A 67 -22.59 -1.38 -0.98
CA GLU A 67 -22.76 -0.32 -0.02
C GLU A 67 -21.42 0.34 0.30
N LYS A 68 -20.39 -0.50 0.44
CA LYS A 68 -19.06 0.00 0.78
C LYS A 68 -18.01 -0.50 -0.20
N LEU A 69 -17.22 0.43 -0.73
CA LEU A 69 -16.20 0.10 -1.70
C LEU A 69 -14.81 0.44 -1.22
N LEU A 70 -13.91 -0.54 -1.31
CA LEU A 70 -12.52 -0.33 -0.95
C LEU A 70 -11.79 -0.24 -2.28
N LEU A 71 -11.29 0.94 -2.59
CA LEU A 71 -10.57 1.19 -3.81
C LEU A 71 -9.07 1.10 -3.53
N ILE A 72 -8.46 -0.02 -3.94
CA ILE A 72 -7.04 -0.23 -3.75
C ILE A 72 -6.33 0.28 -5.00
N SER A 73 -5.41 1.22 -4.82
CA SER A 73 -4.67 1.77 -5.95
C SER A 73 -3.69 0.75 -6.52
N PRO A 82 -8.42 8.64 -15.93
CA PRO A 82 -7.74 7.66 -15.07
C PRO A 82 -8.68 6.50 -14.73
N GLN A 83 -8.10 5.47 -14.13
CA GLN A 83 -8.84 4.29 -13.74
C GLN A 83 -9.75 4.61 -12.57
N HIS A 84 -9.22 5.34 -11.60
CA HIS A 84 -9.99 5.70 -10.42
C HIS A 84 -11.17 6.61 -10.74
N ARG A 85 -11.05 7.41 -11.80
CA ARG A 85 -12.13 8.30 -12.20
C ARG A 85 -13.34 7.49 -12.62
N ASN A 86 -13.09 6.44 -13.41
CA ASN A 86 -14.16 5.57 -13.87
C ASN A 86 -14.79 4.85 -12.69
N VAL A 87 -13.96 4.38 -11.76
CA VAL A 87 -14.45 3.69 -10.57
C VAL A 87 -15.29 4.60 -9.69
N ILE A 88 -14.79 5.80 -9.43
CA ILE A 88 -15.55 6.73 -8.60
C ILE A 88 -16.85 7.15 -9.26
N ASN A 89 -16.81 7.44 -10.56
CA ASN A 89 -18.03 7.84 -11.26
C ASN A 89 -19.02 6.68 -11.27
N ALA A 90 -18.52 5.46 -11.41
CA ALA A 90 -19.36 4.26 -11.41
C ALA A 90 -19.98 4.05 -10.04
N ALA A 91 -19.19 4.31 -9.00
CA ALA A 91 -19.65 4.15 -7.63
C ALA A 91 -20.77 5.16 -7.38
N LYS A 92 -20.63 6.35 -7.94
CA LYS A 92 -21.64 7.37 -7.80
C LYS A 92 -22.93 6.92 -8.47
N ALA A 93 -22.81 6.40 -9.68
CA ALA A 93 -23.96 5.96 -10.45
C ALA A 93 -24.67 4.75 -9.84
N ALA A 94 -23.90 3.86 -9.20
CA ALA A 94 -24.44 2.66 -8.58
C ALA A 94 -25.00 2.89 -7.19
N GLY A 95 -24.69 4.04 -6.61
CA GLY A 95 -25.20 4.35 -5.29
C GLY A 95 -24.35 3.87 -4.14
N VAL A 96 -23.05 3.71 -4.37
CA VAL A 96 -22.14 3.30 -3.30
C VAL A 96 -22.26 4.38 -2.24
N LYS A 97 -22.32 3.97 -0.98
CA LYS A 97 -22.49 4.89 0.14
C LYS A 97 -21.21 5.28 0.88
N PHE A 98 -20.18 4.45 0.75
CA PHE A 98 -18.92 4.71 1.45
C PHE A 98 -17.76 4.17 0.66
N ILE A 99 -16.73 5.00 0.48
CA ILE A 99 -15.55 4.58 -0.24
C ILE A 99 -14.31 4.79 0.62
N ALA A 100 -13.49 3.74 0.73
CA ALA A 100 -12.25 3.81 1.47
C ALA A 100 -11.19 3.65 0.38
N TYR A 101 -10.19 4.52 0.41
CA TYR A 101 -9.16 4.49 -0.61
C TYR A 101 -7.75 4.40 -0.04
N THR A 102 -6.92 3.54 -0.63
CA THR A 102 -5.55 3.38 -0.17
C THR A 102 -4.70 4.45 -0.86
N SER A 103 -4.38 5.47 -0.08
CA SER A 103 -3.59 6.59 -0.56
C SER A 103 -2.14 6.48 -0.06
N LEU A 104 -1.47 7.63 0.03
CA LEU A 104 -0.09 7.68 0.48
C LEU A 104 0.00 8.56 1.71
N LEU A 105 0.82 8.14 2.67
CA LEU A 105 1.05 8.85 3.92
C LEU A 105 1.26 10.34 3.63
N HIS A 106 0.53 11.19 4.36
CA HIS A 106 0.62 12.65 4.20
C HIS A 106 0.71 13.10 2.74
N ALA A 107 -0.14 12.55 1.89
CA ALA A 107 -0.13 12.85 0.46
C ALA A 107 -0.07 14.32 0.05
N ASP A 108 -0.90 15.17 0.64
CA ASP A 108 -0.89 16.58 0.27
C ASP A 108 0.42 17.30 0.48
N THR A 109 1.18 16.88 1.49
CA THR A 109 2.46 17.52 1.79
C THR A 109 3.68 16.63 1.50
N SER A 110 3.44 15.38 1.10
CA SER A 110 4.54 14.46 0.83
C SER A 110 5.53 14.86 -0.27
N PRO A 111 6.83 14.70 0.01
CA PRO A 111 7.89 15.03 -0.94
C PRO A 111 8.00 14.00 -2.05
N LEU A 112 7.40 12.82 -1.84
CA LEU A 112 7.46 11.76 -2.84
C LEU A 112 6.61 12.01 -4.07
N GLY A 113 7.20 11.78 -5.24
CA GLY A 113 6.49 11.97 -6.49
C GLY A 113 5.28 11.05 -6.61
N LEU A 114 5.28 9.96 -5.85
CA LEU A 114 4.17 9.00 -5.87
C LEU A 114 2.89 9.61 -5.32
N ALA A 115 3.02 10.71 -4.60
CA ALA A 115 1.87 11.38 -4.02
C ALA A 115 0.95 12.00 -5.08
N ASP A 116 1.53 12.45 -6.19
CA ASP A 116 0.78 13.10 -7.26
C ASP A 116 -0.49 12.38 -7.66
N GLU A 117 -0.37 11.13 -8.08
CA GLU A 117 -1.54 10.36 -8.50
C GLU A 117 -2.53 10.15 -7.39
N HIS A 118 -2.03 9.96 -6.16
CA HIS A 118 -2.91 9.75 -5.02
C HIS A 118 -3.72 11.02 -4.75
N ILE A 119 -3.06 12.17 -4.82
CA ILE A 119 -3.73 13.44 -4.60
C ILE A 119 -4.86 13.60 -5.61
N GLU A 120 -4.60 13.23 -6.86
CA GLU A 120 -5.61 13.33 -7.90
C GLU A 120 -6.86 12.54 -7.51
N THR A 121 -6.65 11.36 -6.95
CA THR A 121 -7.75 10.50 -6.53
C THR A 121 -8.45 11.05 -5.28
N GLU A 122 -7.67 11.57 -4.34
CA GLU A 122 -8.24 12.15 -3.13
C GLU A 122 -9.14 13.31 -3.51
N LYS A 123 -8.74 14.07 -4.53
CA LYS A 123 -9.54 15.20 -5.00
C LYS A 123 -10.85 14.71 -5.61
N MET A 124 -10.77 13.61 -6.38
CA MET A 124 -11.96 13.04 -7.02
C MET A 124 -12.96 12.62 -5.95
N LEU A 125 -12.46 12.01 -4.87
CA LEU A 125 -13.32 11.57 -3.78
C LEU A 125 -13.97 12.75 -3.07
N ALA A 126 -13.18 13.78 -2.83
CA ALA A 126 -13.69 14.98 -2.18
C ALA A 126 -14.82 15.63 -2.97
N ASP A 127 -14.74 15.57 -4.30
CA ASP A 127 -15.76 16.17 -5.17
C ASP A 127 -16.92 15.24 -5.50
N SER A 128 -16.78 13.96 -5.18
CA SER A 128 -17.80 12.96 -5.49
C SER A 128 -19.09 13.07 -4.70
N GLY A 129 -19.02 13.66 -3.51
CA GLY A 129 -20.22 13.78 -2.70
C GLY A 129 -20.46 12.50 -1.92
N ILE A 130 -19.62 11.50 -2.14
CA ILE A 130 -19.74 10.25 -1.44
C ILE A 130 -18.84 10.28 -0.21
N VAL A 131 -19.39 9.79 0.90
CA VAL A 131 -18.64 9.73 2.14
C VAL A 131 -17.43 8.84 1.87
N TYR A 132 -16.25 9.27 2.31
CA TYR A 132 -15.08 8.46 2.07
C TYR A 132 -14.07 8.57 3.19
N THR A 133 -13.13 7.64 3.19
CA THR A 133 -12.06 7.64 4.17
C THR A 133 -10.78 7.37 3.41
N LEU A 134 -9.72 8.08 3.79
CA LEU A 134 -8.44 7.87 3.16
C LEU A 134 -7.54 7.04 4.05
N LEU A 135 -7.06 5.93 3.53
CA LEU A 135 -6.14 5.08 4.25
C LEU A 135 -4.80 5.52 3.65
N ARG A 136 -4.21 6.55 4.25
CA ARG A 136 -2.92 7.08 3.77
C ARG A 136 -1.79 6.18 4.26
N ASN A 137 -1.53 5.14 3.49
CA ASN A 137 -0.51 4.15 3.83
C ASN A 137 0.92 4.60 3.66
N GLY A 138 1.72 4.25 4.66
CA GLY A 138 3.13 4.56 4.64
C GLY A 138 3.82 3.49 3.82
N TRP A 139 5.13 3.38 3.98
CA TRP A 139 5.89 2.39 3.22
C TRP A 139 5.74 0.96 3.73
N TYR A 140 5.93 0.02 2.82
CA TYR A 140 5.86 -1.41 3.15
C TYR A 140 7.29 -1.78 3.53
N SER A 141 7.46 -2.49 4.63
CA SER A 141 8.81 -2.90 5.03
C SER A 141 9.36 -3.73 3.88
N GLU A 142 8.47 -4.49 3.25
CA GLU A 142 8.84 -5.34 2.13
C GLU A 142 9.48 -4.58 0.97
N ASN A 143 9.14 -3.30 0.84
CA ASN A 143 9.70 -2.49 -0.24
C ASN A 143 11.23 -2.41 -0.14
N TYR A 144 11.76 -2.23 1.06
CA TYR A 144 13.20 -2.17 1.22
C TYR A 144 13.82 -3.55 1.37
N LEU A 145 13.12 -4.46 2.03
CA LEU A 145 13.63 -5.82 2.21
C LEU A 145 13.73 -6.59 0.91
N ALA A 146 13.05 -6.11 -0.13
CA ALA A 146 13.10 -6.78 -1.42
C ALA A 146 14.53 -6.71 -1.96
N SER A 147 15.29 -5.74 -1.45
CA SER A 147 16.68 -5.54 -1.87
C SER A 147 17.68 -6.10 -0.87
N ALA A 148 17.19 -6.66 0.22
CA ALA A 148 18.04 -7.21 1.26
C ALA A 148 18.96 -8.33 0.74
N PRO A 149 18.45 -9.22 -0.11
CA PRO A 149 19.29 -10.31 -0.62
C PRO A 149 20.53 -9.78 -1.35
N ALA A 150 20.33 -8.80 -2.22
CA ALA A 150 21.44 -8.21 -2.97
C ALA A 150 22.39 -7.51 -2.02
N ALA A 151 21.84 -6.83 -1.02
CA ALA A 151 22.64 -6.12 -0.04
C ALA A 151 23.48 -7.12 0.74
N LEU A 152 22.90 -8.28 1.02
CA LEU A 152 23.60 -9.33 1.75
C LEU A 152 24.68 -9.98 0.89
N GLU A 153 24.43 -10.06 -0.41
CA GLU A 153 25.38 -10.66 -1.34
C GLU A 153 26.63 -9.80 -1.54
N HIS A 154 26.46 -8.48 -1.52
CA HIS A 154 27.57 -7.57 -1.72
C HIS A 154 28.00 -6.83 -0.46
N GLY A 155 27.34 -7.12 0.66
CA GLY A 155 27.68 -6.47 1.92
C GLY A 155 27.38 -4.98 1.97
N VAL A 156 26.57 -4.50 1.02
CA VAL A 156 26.22 -3.09 0.97
C VAL A 156 24.77 -2.89 0.52
N PHE A 157 24.07 -2.01 1.22
CA PHE A 157 22.69 -1.69 0.86
C PHE A 157 22.76 -0.24 0.38
N ILE A 158 22.35 -0.01 -0.85
CA ILE A 158 22.41 1.33 -1.42
C ILE A 158 21.06 2.04 -1.43
N GLY A 159 21.12 3.37 -1.46
CA GLY A 159 19.90 4.15 -1.48
C GLY A 159 20.24 5.63 -1.52
N ALA A 160 19.22 6.46 -1.37
CA ALA A 160 19.40 7.91 -1.37
C ALA A 160 18.50 8.52 -0.32
N ALA A 161 18.19 7.74 0.71
CA ALA A 161 17.31 8.17 1.79
C ALA A 161 18.05 8.90 2.91
N GLY A 162 19.37 8.93 2.83
CA GLY A 162 20.15 9.60 3.86
C GLY A 162 19.83 9.12 5.26
N ASP A 163 19.48 10.06 6.15
CA ASP A 163 19.15 9.72 7.52
C ASP A 163 17.64 9.79 7.72
N GLY A 164 16.90 9.83 6.61
CA GLY A 164 15.45 9.88 6.70
C GLY A 164 14.94 8.69 7.50
N LYS A 165 13.88 8.92 8.29
CA LYS A 165 13.29 7.86 9.11
C LYS A 165 12.10 7.25 8.39
N ILE A 166 12.13 5.94 8.25
CA ILE A 166 11.07 5.22 7.56
C ILE A 166 10.19 4.47 8.55
N ALA A 167 8.96 4.95 8.74
CA ALA A 167 8.03 4.32 9.67
C ALA A 167 7.26 3.26 8.88
N SER A 168 7.95 2.18 8.54
CA SER A 168 7.33 1.12 7.75
C SER A 168 6.44 0.18 8.54
N ALA A 169 5.63 -0.56 7.79
CA ALA A 169 4.71 -1.53 8.35
C ALA A 169 4.55 -2.58 7.25
N THR A 170 3.98 -3.72 7.60
CA THR A 170 3.80 -4.78 6.60
C THR A 170 2.50 -4.62 5.82
N ARG A 171 2.45 -5.25 4.65
CA ARG A 171 1.24 -5.19 3.85
C ARG A 171 0.12 -5.75 4.71
N ALA A 172 0.44 -6.79 5.48
CA ALA A 172 -0.53 -7.42 6.37
C ALA A 172 -1.09 -6.40 7.35
N ASP A 173 -0.23 -5.53 7.87
CA ASP A 173 -0.67 -4.50 8.81
C ASP A 173 -1.61 -3.53 8.11
N TYR A 174 -1.18 -3.02 6.96
CA TYR A 174 -2.01 -2.06 6.22
C TYR A 174 -3.31 -2.71 5.78
N ALA A 175 -3.25 -3.98 5.39
CA ALA A 175 -4.45 -4.69 4.93
C ALA A 175 -5.47 -4.83 6.07
N ALA A 176 -4.99 -5.12 7.28
CA ALA A 176 -5.86 -5.28 8.43
C ALA A 176 -6.59 -3.96 8.66
N ALA A 177 -5.84 -2.86 8.55
CA ALA A 177 -6.44 -1.53 8.74
C ALA A 177 -7.55 -1.28 7.72
N ALA A 178 -7.28 -1.59 6.45
CA ALA A 178 -8.27 -1.39 5.39
C ALA A 178 -9.50 -2.23 5.67
N ALA A 179 -9.28 -3.48 6.06
CA ALA A 179 -10.39 -4.39 6.36
C ALA A 179 -11.24 -3.86 7.50
N ARG A 180 -10.59 -3.30 8.51
CA ARG A 180 -11.30 -2.74 9.67
C ARG A 180 -12.16 -1.57 9.24
N VAL A 181 -11.58 -0.67 8.46
CA VAL A 181 -12.27 0.52 7.99
C VAL A 181 -13.48 0.24 7.11
N ILE A 182 -13.34 -0.75 6.24
CA ILE A 182 -14.42 -1.07 5.32
C ILE A 182 -15.47 -2.02 5.89
N SER A 183 -15.19 -2.65 7.03
CA SER A 183 -16.15 -3.60 7.60
C SER A 183 -16.80 -3.21 8.93
N GLU A 184 -16.11 -2.47 9.79
CA GLU A 184 -16.69 -2.08 11.07
C GLU A 184 -17.09 -0.61 11.08
N ALA A 185 -17.99 -0.25 11.98
CA ALA A 185 -18.48 1.12 12.07
C ALA A 185 -17.53 2.09 12.76
N GLY A 186 -17.74 3.37 12.48
CA GLY A 186 -16.95 4.43 13.10
C GLY A 186 -15.73 4.91 12.36
N HIS A 187 -15.55 4.48 11.12
CA HIS A 187 -14.38 4.89 10.35
C HIS A 187 -14.68 5.65 9.08
N GLU A 188 -15.88 6.23 8.97
CA GLU A 188 -16.23 6.97 7.77
C GLU A 188 -15.86 8.44 7.84
N GLY A 189 -15.44 8.98 6.69
CA GLY A 189 -15.07 10.39 6.61
C GLY A 189 -13.74 10.74 7.27
N LYS A 190 -12.91 9.73 7.49
CA LYS A 190 -11.62 9.94 8.14
C LYS A 190 -10.44 10.08 7.18
N VAL A 191 -9.35 10.63 7.71
CA VAL A 191 -8.12 10.74 6.96
C VAL A 191 -7.11 10.10 7.90
N TYR A 192 -6.86 8.80 7.70
CA TYR A 192 -5.94 8.07 8.54
C TYR A 192 -4.51 8.03 8.02
N GLU A 193 -3.58 8.53 8.82
CA GLU A 193 -2.16 8.51 8.45
C GLU A 193 -1.61 7.24 9.09
N LEU A 194 -1.43 6.22 8.25
CA LEU A 194 -0.98 4.91 8.69
C LEU A 194 0.48 4.59 8.46
N ALA A 195 1.18 4.25 9.54
CA ALA A 195 2.60 3.93 9.50
C ALA A 195 3.00 3.07 10.70
N GLY A 196 4.24 2.60 10.70
CA GLY A 196 4.70 1.77 11.79
C GLY A 196 4.77 2.53 13.10
N ASP A 197 4.77 1.79 14.21
CA ASP A 197 4.85 2.38 15.53
C ASP A 197 6.23 2.99 15.73
N SER A 198 7.24 2.35 15.14
CA SER A 198 8.61 2.83 15.24
C SER A 198 9.12 3.14 13.83
N ALA A 199 10.25 3.83 13.75
CA ALA A 199 10.83 4.17 12.47
C ALA A 199 12.31 3.84 12.44
N TRP A 200 12.85 3.67 11.23
CA TRP A 200 14.26 3.32 11.08
C TRP A 200 14.90 3.92 9.84
N THR A 201 16.20 4.16 9.94
CA THR A 201 16.97 4.71 8.82
C THR A 201 17.54 3.52 8.06
N LEU A 202 18.02 3.77 6.85
CA LEU A 202 18.61 2.68 6.08
C LEU A 202 19.89 2.21 6.77
N THR A 203 20.48 3.07 7.60
CA THR A 203 21.68 2.70 8.34
C THR A 203 21.27 1.64 9.35
N GLN A 204 20.16 1.88 10.03
CA GLN A 204 19.66 0.92 11.02
C GLN A 204 19.22 -0.37 10.32
N LEU A 205 18.68 -0.25 9.12
CA LEU A 205 18.26 -1.44 8.38
C LEU A 205 19.49 -2.32 8.16
N ALA A 206 20.55 -1.72 7.64
CA ALA A 206 21.79 -2.46 7.38
C ALA A 206 22.27 -3.16 8.64
N ALA A 207 22.21 -2.45 9.76
CA ALA A 207 22.65 -3.00 11.04
C ALA A 207 21.78 -4.19 11.44
N GLU A 208 20.46 -4.06 11.26
CA GLU A 208 19.54 -5.12 11.60
C GLU A 208 19.83 -6.32 10.71
N LEU A 209 20.20 -6.02 9.47
CA LEU A 209 20.53 -7.03 8.48
C LEU A 209 21.81 -7.77 8.88
N THR A 210 22.80 -7.02 9.34
CA THR A 210 24.07 -7.61 9.75
C THR A 210 23.85 -8.47 10.98
N LYS A 211 23.10 -7.94 11.94
CA LYS A 211 22.80 -8.61 13.19
C LYS A 211 22.19 -10.01 13.02
N GLN A 212 21.12 -10.10 12.23
CA GLN A 212 20.45 -11.37 12.02
C GLN A 212 21.08 -12.29 10.97
N SER A 213 21.85 -11.72 10.05
CA SER A 213 22.46 -12.53 9.00
C SER A 213 23.84 -13.04 9.37
N GLY A 214 24.50 -12.33 10.27
CA GLY A 214 25.85 -12.70 10.67
C GLY A 214 26.84 -12.14 9.68
N LYS A 215 26.34 -11.76 8.51
CA LYS A 215 27.18 -11.19 7.46
C LYS A 215 27.20 -9.68 7.62
N GLN A 216 28.28 -9.05 7.17
CA GLN A 216 28.40 -7.61 7.28
C GLN A 216 27.66 -6.88 6.16
N VAL A 217 26.84 -5.92 6.54
CA VAL A 217 26.08 -5.12 5.58
C VAL A 217 26.15 -3.65 5.99
N THR A 218 26.61 -2.82 5.08
CA THR A 218 26.75 -1.38 5.33
C THR A 218 25.84 -0.60 4.40
N TYR A 219 25.30 0.52 4.89
CA TYR A 219 24.45 1.35 4.03
C TYR A 219 25.33 2.37 3.32
N GLN A 220 25.10 2.53 2.03
CA GLN A 220 25.84 3.48 1.22
C GLN A 220 24.85 4.48 0.64
N ASN A 221 24.90 5.70 1.14
CA ASN A 221 24.00 6.74 0.65
C ASN A 221 24.51 7.34 -0.64
N LEU A 222 23.66 7.32 -1.66
CA LEU A 222 24.01 7.88 -2.96
C LEU A 222 23.08 9.05 -3.23
N SER A 223 23.35 9.78 -4.31
CA SER A 223 22.51 10.89 -4.69
C SER A 223 21.43 10.30 -5.58
N GLU A 224 20.29 10.96 -5.68
CA GLU A 224 19.19 10.46 -6.49
C GLU A 224 19.62 9.97 -7.88
N ALA A 225 20.41 10.76 -8.58
CA ALA A 225 20.86 10.36 -9.92
C ALA A 225 21.73 9.11 -9.89
N ASP A 226 22.73 9.08 -9.00
CA ASP A 226 23.60 7.91 -8.90
C ASP A 226 22.82 6.67 -8.50
N PHE A 227 21.95 6.81 -7.52
CA PHE A 227 21.14 5.68 -7.06
C PHE A 227 20.27 5.18 -8.20
N ALA A 228 19.64 6.10 -8.92
CA ALA A 228 18.79 5.73 -10.04
C ALA A 228 19.69 5.16 -11.12
N ALA A 229 20.82 5.83 -11.35
CA ALA A 229 21.78 5.38 -12.35
C ALA A 229 22.43 4.07 -11.91
N ALA A 230 22.02 3.58 -10.75
CA ALA A 230 22.54 2.33 -10.22
C ALA A 230 21.51 1.23 -10.41
N LEU A 231 20.24 1.62 -10.41
CA LEU A 231 19.14 0.67 -10.60
C LEU A 231 18.89 0.43 -12.09
N LYS A 232 19.33 1.38 -12.91
CA LYS A 232 19.15 1.28 -14.36
C LYS A 232 20.31 0.50 -14.97
N SER A 233 21.01 -0.24 -14.13
CA SER A 233 22.15 -1.06 -14.56
C SER A 233 22.17 -2.36 -13.76
N VAL A 234 20.98 -2.84 -13.43
CA VAL A 234 20.84 -4.07 -12.66
C VAL A 234 19.65 -4.85 -13.20
N GLY A 235 18.86 -4.20 -14.05
CA GLY A 235 17.71 -4.84 -14.65
C GLY A 235 16.44 -4.01 -14.55
N LEU A 236 16.12 -3.56 -13.35
CA LEU A 236 14.92 -2.76 -13.10
C LEU A 236 14.73 -1.65 -14.14
N PRO A 237 13.51 -1.52 -14.69
CA PRO A 237 13.18 -0.50 -15.69
C PRO A 237 13.49 0.91 -15.20
N ASP A 238 13.60 1.83 -16.15
CA ASP A 238 13.92 3.23 -15.84
C ASP A 238 12.85 3.84 -14.94
N GLY A 239 11.59 3.76 -15.37
CA GLY A 239 10.51 4.32 -14.59
C GLY A 239 10.53 3.82 -13.16
N LEU A 240 10.69 2.51 -13.00
CA LEU A 240 10.72 1.91 -11.68
C LEU A 240 11.91 2.45 -10.89
N ALA A 241 13.08 2.48 -11.53
CA ALA A 241 14.29 2.98 -10.90
C ALA A 241 14.12 4.44 -10.48
N ASP A 242 13.57 5.25 -11.37
CA ASP A 242 13.35 6.66 -11.08
C ASP A 242 12.43 6.86 -9.88
N MET A 243 11.40 6.03 -9.76
CA MET A 243 10.48 6.13 -8.64
C MET A 243 11.19 5.79 -7.34
N LEU A 244 11.89 4.66 -7.33
CA LEU A 244 12.62 4.22 -6.15
C LEU A 244 13.58 5.28 -5.67
N ALA A 245 14.30 5.90 -6.60
CA ALA A 245 15.26 6.94 -6.27
C ALA A 245 14.52 8.15 -5.72
N ASP A 246 13.42 8.51 -6.36
CA ASP A 246 12.62 9.66 -5.92
C ASP A 246 12.08 9.42 -4.51
N SER A 247 11.64 8.20 -4.26
CA SER A 247 11.08 7.82 -2.97
C SER A 247 12.11 7.97 -1.85
N ASP A 248 13.31 7.44 -2.07
CA ASP A 248 14.37 7.54 -1.07
C ASP A 248 14.65 9.00 -0.76
N VAL A 249 14.62 9.84 -1.79
CA VAL A 249 14.85 11.27 -1.60
C VAL A 249 13.70 11.83 -0.77
N GLY A 250 12.49 11.36 -1.06
CA GLY A 250 11.34 11.81 -0.31
C GLY A 250 11.52 11.40 1.14
N ALA A 251 12.03 10.19 1.34
CA ALA A 251 12.28 9.64 2.67
C ALA A 251 13.31 10.46 3.44
N SER A 252 14.36 10.88 2.73
CA SER A 252 15.42 11.67 3.37
C SER A 252 14.87 12.99 3.91
N LYS A 253 13.68 13.36 3.45
CA LYS A 253 13.03 14.58 3.87
C LYS A 253 11.91 14.31 4.88
N GLY A 254 11.87 13.07 5.37
CA GLY A 254 10.86 12.70 6.36
C GLY A 254 9.52 12.30 5.75
N GLY A 255 9.50 12.15 4.43
CA GLY A 255 8.27 11.78 3.74
C GLY A 255 7.68 10.44 4.12
N LEU A 256 8.50 9.55 4.66
CA LEU A 256 8.01 8.24 5.07
C LEU A 256 7.96 8.09 6.58
N PHE A 257 8.04 9.22 7.28
CA PHE A 257 7.99 9.20 8.75
C PHE A 257 6.67 9.71 9.33
N ASP A 258 6.19 9.03 10.35
CA ASP A 258 4.96 9.38 11.04
C ASP A 258 5.00 8.64 12.37
N ASP A 259 4.57 9.29 13.46
CA ASP A 259 4.60 8.63 14.75
C ASP A 259 3.28 8.79 15.51
N SER A 260 2.19 8.88 14.76
CA SER A 260 0.87 9.04 15.36
C SER A 260 0.35 7.72 15.92
N LYS A 261 0.92 6.61 15.44
CA LYS A 261 0.52 5.28 15.87
C LYS A 261 -0.96 5.02 15.58
N THR A 262 -1.45 5.66 14.53
CA THR A 262 -2.84 5.51 14.09
C THR A 262 -3.07 4.08 13.63
N LEU A 263 -2.07 3.51 12.96
CA LEU A 263 -2.18 2.15 12.44
C LEU A 263 -2.36 1.11 13.54
N SER A 264 -1.51 1.14 14.56
CA SER A 264 -1.63 0.17 15.64
C SER A 264 -2.93 0.38 16.42
N LYS A 265 -3.33 1.63 16.60
CA LYS A 265 -4.57 1.91 17.32
C LYS A 265 -5.73 1.31 16.52
N LEU A 266 -5.68 1.50 15.20
CA LEU A 266 -6.72 1.00 14.30
C LEU A 266 -6.83 -0.52 14.26
N ILE A 267 -5.71 -1.20 14.11
CA ILE A 267 -5.72 -2.67 14.04
C ILE A 267 -5.81 -3.37 15.39
N GLY A 268 -5.58 -2.64 16.47
CA GLY A 268 -5.69 -3.22 17.80
C GLY A 268 -4.47 -3.92 18.36
N HIS A 269 -3.32 -3.76 17.72
CA HIS A 269 -2.10 -4.38 18.19
C HIS A 269 -0.89 -3.71 17.54
N PRO A 270 0.30 -3.91 18.10
CA PRO A 270 1.51 -3.31 17.56
C PRO A 270 1.73 -3.66 16.08
N THR A 271 2.27 -2.72 15.32
CA THR A 271 2.54 -2.98 13.92
C THR A 271 3.74 -3.93 13.91
N THR A 272 3.93 -4.66 12.82
CA THR A 272 5.04 -5.59 12.72
C THR A 272 6.36 -4.84 12.56
N THR A 273 7.29 -5.07 13.48
CA THR A 273 8.59 -4.39 13.45
C THR A 273 9.52 -4.85 12.33
N LEU A 274 10.49 -4.00 12.03
CA LEU A 274 11.48 -4.30 11.00
C LEU A 274 12.18 -5.60 11.37
N ALA A 275 12.52 -5.74 12.65
CA ALA A 275 13.20 -6.93 13.13
C ALA A 275 12.43 -8.20 12.77
N GLU A 276 11.11 -8.17 12.98
CA GLU A 276 10.29 -9.33 12.68
C GLU A 276 10.31 -9.64 11.19
N SER A 277 10.19 -8.60 10.38
CA SER A 277 10.18 -8.75 8.93
C SER A 277 11.52 -9.30 8.45
N VAL A 278 12.62 -8.77 9.02
CA VAL A 278 13.96 -9.21 8.65
C VAL A 278 14.14 -10.68 8.96
N SER A 279 13.54 -11.13 10.06
CA SER A 279 13.62 -12.53 10.47
C SER A 279 13.09 -13.47 9.39
N HIS A 280 12.09 -13.01 8.65
CA HIS A 280 11.49 -13.81 7.59
C HIS A 280 12.48 -14.08 6.45
N LEU A 281 13.55 -13.32 6.41
CA LEU A 281 14.56 -13.47 5.38
C LEU A 281 15.43 -14.70 5.62
N PHE A 282 15.47 -15.18 6.85
CA PHE A 282 16.29 -16.34 7.18
C PHE A 282 15.48 -17.48 7.79
N ASN A 283 14.22 -17.59 7.40
CA ASN A 283 13.33 -18.63 7.90
C ASN A 283 13.81 -20.03 7.49
#